data_5NQ6
#
_entry.id   5NQ6
#
_cell.length_a   58.433
_cell.length_b   58.433
_cell.length_c   150.452
_cell.angle_alpha   90.00
_cell.angle_beta   90.00
_cell.angle_gamma   120.00
#
_symmetry.space_group_name_H-M   'P 32 2 1'
#
loop_
_entity.id
_entity.type
_entity.pdbx_description
1 polymer 'Sulfur acceptor protein CsdE'
2 non-polymer GLYCEROL
3 non-polymer 'SULFATE ION'
4 water water
#
_entity_poly.entity_id   1
_entity_poly.type   'polypeptide(L)'
_entity_poly.pdbx_seq_one_letter_code
;MTNPQFAGHPFGTTVTAETLRNTFAPLTQWEDKYRQLIMLGKQLPALPDELKAQAKEIAGCENRVWLGYTVAENGKMHFF
GDSEGRIVRGLLAVLLTAVEGKTAAELQAQSPLALFDELGLRAQLSASRSQGLNALSEAIIAATKQVKHHHHHH
;
_entity_poly.pdbx_strand_id   A,B
#
loop_
_chem_comp.id
_chem_comp.type
_chem_comp.name
_chem_comp.formula
GOL non-polymer GLYCEROL 'C3 H8 O3'
SO4 non-polymer 'SULFATE ION' 'O4 S -2'
#
# COMPACT_ATOMS: atom_id res chain seq x y z
N ALA A 7 5.26 -15.33 -14.76
CA ALA A 7 5.71 -14.74 -13.50
C ALA A 7 7.15 -14.28 -13.62
N GLY A 8 7.83 -14.76 -14.67
CA GLY A 8 9.27 -14.62 -14.78
C GLY A 8 9.67 -13.31 -15.43
N HIS A 9 10.86 -12.85 -15.09
CA HIS A 9 11.35 -11.56 -15.56
C HIS A 9 12.86 -11.59 -15.50
N PRO A 10 13.54 -10.71 -16.22
CA PRO A 10 14.99 -10.78 -16.30
C PRO A 10 15.74 -10.24 -15.09
N PHE A 11 15.08 -9.68 -14.09
CA PHE A 11 15.80 -8.85 -13.12
C PHE A 11 16.30 -9.70 -11.97
N GLY A 12 17.58 -9.54 -11.64
CA GLY A 12 18.26 -10.43 -10.72
C GLY A 12 19.07 -11.48 -11.45
N THR A 13 18.52 -12.05 -12.54
CA THR A 13 19.22 -13.05 -13.34
C THR A 13 20.05 -12.44 -14.48
N THR A 14 19.43 -12.20 -15.64
CA THR A 14 20.15 -11.60 -16.77
C THR A 14 20.49 -10.12 -16.56
N VAL A 15 19.82 -9.43 -15.65
CA VAL A 15 20.08 -8.02 -15.33
C VAL A 15 20.38 -7.92 -13.85
N THR A 16 21.46 -7.23 -13.50
CA THR A 16 21.92 -7.23 -12.12
C THR A 16 22.19 -5.81 -11.65
N ALA A 17 22.42 -5.71 -10.34
CA ALA A 17 22.78 -4.44 -9.73
C ALA A 17 24.05 -3.85 -10.35
N GLU A 18 25.04 -4.69 -10.69
CA GLU A 18 26.23 -4.15 -11.33
C GLU A 18 26.01 -3.81 -12.81
N THR A 19 25.09 -4.47 -13.55
CA THR A 19 24.92 -3.98 -14.92
C THR A 19 24.12 -2.67 -14.92
N LEU A 20 23.11 -2.56 -14.06
CA LEU A 20 22.43 -1.28 -13.85
C LEU A 20 23.42 -0.18 -13.50
N ARG A 21 24.28 -0.43 -12.52
CA ARG A 21 25.31 0.54 -12.13
C ARG A 21 26.20 0.91 -13.31
N ASN A 22 26.73 -0.08 -14.02
CA ASN A 22 27.58 0.26 -15.17
C ASN A 22 26.80 1.04 -16.21
N THR A 23 25.51 0.76 -16.37
CA THR A 23 24.71 1.40 -17.40
C THR A 23 24.32 2.82 -17.00
N PHE A 24 23.98 3.04 -15.73
CA PHE A 24 23.55 4.37 -15.31
C PHE A 24 24.73 5.31 -15.06
N ALA A 25 25.87 4.80 -14.60
CA ALA A 25 27.01 5.64 -14.27
C ALA A 25 27.40 6.65 -15.34
N PRO A 26 27.41 6.34 -16.64
CA PRO A 26 27.78 7.37 -17.63
C PRO A 26 26.76 8.48 -17.74
N LEU A 27 25.50 8.23 -17.42
CA LEU A 27 24.44 9.16 -17.77
C LEU A 27 24.45 10.33 -16.79
N THR A 28 24.91 11.49 -17.25
CA THR A 28 25.02 12.66 -16.40
C THR A 28 23.84 13.62 -16.57
N GLN A 29 23.29 13.70 -17.78
CA GLN A 29 22.01 14.37 -17.98
C GLN A 29 20.90 13.55 -17.34
N TRP A 30 20.10 14.19 -16.49
CA TRP A 30 19.10 13.41 -15.79
C TRP A 30 18.07 12.83 -16.75
N GLU A 31 17.71 13.55 -17.82
CA GLU A 31 16.80 12.99 -18.81
C GLU A 31 17.31 11.67 -19.39
N ASP A 32 18.64 11.52 -19.53
CA ASP A 32 19.18 10.24 -19.97
C ASP A 32 18.95 9.14 -18.92
N LYS A 33 19.03 9.48 -17.64
CA LYS A 33 18.64 8.53 -16.61
C LYS A 33 17.17 8.14 -16.77
N TYR A 34 16.30 9.14 -16.92
CA TYR A 34 14.88 8.93 -17.13
C TYR A 34 14.62 7.94 -18.25
N ARG A 35 15.29 8.13 -19.40
CA ARG A 35 15.06 7.26 -20.54
C ARG A 35 15.53 5.86 -20.26
N GLN A 36 16.73 5.75 -19.68
CA GLN A 36 17.23 4.44 -19.26
C GLN A 36 16.24 3.77 -18.32
N LEU A 37 15.72 4.52 -17.37
CA LEU A 37 14.70 3.99 -16.48
C LEU A 37 13.54 3.41 -17.29
N ILE A 38 13.07 4.15 -18.32
CA ILE A 38 11.93 3.70 -19.12
C ILE A 38 12.27 2.47 -19.95
N MET A 39 13.37 2.52 -20.71
CA MET A 39 13.89 1.33 -21.39
C MET A 39 13.96 0.14 -20.45
N LEU A 40 14.51 0.34 -19.25
CA LEU A 40 14.63 -0.77 -18.30
C LEU A 40 13.26 -1.39 -18.00
N GLY A 41 12.24 -0.55 -17.86
CA GLY A 41 10.93 -1.07 -17.53
C GLY A 41 10.27 -1.78 -18.70
N LYS A 42 10.70 -1.48 -19.92
CA LYS A 42 10.13 -2.21 -21.05
C LYS A 42 10.64 -3.65 -21.09
N GLN A 43 11.71 -3.94 -20.36
CA GLN A 43 12.16 -5.30 -20.23
C GLN A 43 11.33 -6.09 -19.24
N LEU A 44 10.45 -5.43 -18.49
CA LEU A 44 9.58 -6.15 -17.56
C LEU A 44 8.40 -6.76 -18.32
N PRO A 45 8.22 -8.07 -18.31
CA PRO A 45 7.12 -8.66 -19.10
C PRO A 45 5.75 -8.30 -18.50
N ALA A 46 4.74 -8.38 -19.35
CA ALA A 46 3.38 -8.08 -18.91
C ALA A 46 2.92 -9.13 -17.92
N LEU A 47 2.43 -8.68 -16.77
CA LEU A 47 1.80 -9.66 -15.91
C LEU A 47 0.37 -9.86 -16.37
N PRO A 48 -0.03 -11.09 -16.70
CA PRO A 48 -1.43 -11.30 -17.13
C PRO A 48 -2.38 -11.09 -15.97
N ASP A 49 -3.58 -10.56 -16.30
CA ASP A 49 -4.63 -10.32 -15.31
C ASP A 49 -4.79 -11.51 -14.36
N GLU A 50 -4.57 -12.72 -14.85
CA GLU A 50 -4.55 -13.89 -13.99
C GLU A 50 -3.67 -13.68 -12.76
N LEU A 51 -2.40 -13.23 -12.92
CA LEU A 51 -1.54 -13.19 -11.75
C LEU A 51 -1.47 -11.83 -11.06
N LYS A 52 -2.01 -10.77 -11.68
CA LYS A 52 -2.24 -9.53 -10.95
C LYS A 52 -3.16 -9.75 -9.77
N ALA A 53 -4.05 -10.75 -9.86
CA ALA A 53 -4.94 -11.06 -8.74
C ALA A 53 -4.18 -11.63 -7.55
N GLN A 54 -3.14 -12.45 -7.80
CA GLN A 54 -2.29 -12.97 -6.73
C GLN A 54 -1.15 -12.04 -6.34
N ALA A 55 -1.17 -10.78 -6.77
CA ALA A 55 -0.21 -9.79 -6.32
C ALA A 55 -0.92 -8.77 -5.44
N LYS A 56 -0.23 -8.32 -4.40
CA LYS A 56 -0.71 -7.20 -3.60
C LYS A 56 -0.57 -5.89 -4.40
N GLU A 57 -1.64 -5.11 -4.40
CA GLU A 57 -1.65 -3.81 -5.04
C GLU A 57 -0.97 -2.79 -4.14
N ILE A 58 0.10 -2.18 -4.63
CA ILE A 58 0.85 -1.15 -3.92
C ILE A 58 0.60 0.17 -4.64
N ALA A 59 0.45 1.25 -3.88
CA ALA A 59 0.02 2.51 -4.50
C ALA A 59 0.95 3.65 -4.10
N GLY A 60 1.46 4.35 -5.11
CA GLY A 60 2.15 5.60 -4.91
C GLY A 60 1.19 6.75 -5.04
N CYS A 61 1.74 7.93 -5.32
CA CYS A 61 0.92 9.12 -5.43
C CYS A 61 0.34 9.31 -6.83
N GLU A 62 0.83 8.58 -7.83
CA GLU A 62 0.25 8.73 -9.16
C GLU A 62 -0.07 7.37 -9.80
N ASN A 63 0.65 6.32 -9.41
CA ASN A 63 0.51 5.05 -10.12
C ASN A 63 0.31 3.89 -9.18
N ARG A 64 -0.24 2.83 -9.76
CA ARG A 64 -0.38 1.55 -9.09
C ARG A 64 0.76 0.65 -9.52
N VAL A 65 1.22 -0.18 -8.59
CA VAL A 65 2.02 -1.34 -8.95
C VAL A 65 1.41 -2.56 -8.30
N TRP A 66 1.62 -3.69 -8.94
CA TRP A 66 1.28 -5.00 -8.43
C TRP A 66 2.59 -5.68 -8.05
N LEU A 67 2.58 -6.42 -6.96
CA LEU A 67 3.81 -7.05 -6.48
C LEU A 67 3.43 -8.35 -5.78
N GLY A 68 3.89 -9.47 -6.34
CA GLY A 68 3.71 -10.76 -5.72
C GLY A 68 5.06 -11.38 -5.43
N TYR A 69 5.03 -12.51 -4.73
CA TYR A 69 6.25 -13.25 -4.45
C TYR A 69 5.89 -14.71 -4.23
N THR A 70 6.89 -15.58 -4.46
CA THR A 70 6.87 -16.96 -4.05
C THR A 70 8.20 -17.27 -3.37
N VAL A 71 8.27 -18.43 -2.73
CA VAL A 71 9.48 -18.86 -2.07
C VAL A 71 9.78 -20.29 -2.50
N ALA A 72 10.98 -20.50 -3.05
CA ALA A 72 11.49 -21.84 -3.30
C ALA A 72 11.84 -22.51 -1.98
N GLU A 73 12.04 -23.82 -2.03
CA GLU A 73 12.29 -24.56 -0.79
C GLU A 73 13.66 -24.23 -0.21
N ASN A 74 14.60 -23.73 -1.01
CA ASN A 74 15.85 -23.28 -0.45
C ASN A 74 15.72 -21.91 0.19
N GLY A 75 14.51 -21.40 0.34
CA GLY A 75 14.28 -20.13 0.99
C GLY A 75 14.34 -18.91 0.10
N LYS A 76 14.79 -19.06 -1.15
CA LYS A 76 14.90 -17.90 -2.03
C LYS A 76 13.52 -17.38 -2.40
N MET A 77 13.40 -16.05 -2.46
CA MET A 77 12.14 -15.41 -2.80
C MET A 77 12.19 -14.94 -4.26
N HIS A 78 11.17 -15.32 -5.04
CA HIS A 78 10.98 -14.80 -6.38
C HIS A 78 9.88 -13.76 -6.32
N PHE A 79 10.16 -12.57 -6.80
CA PHE A 79 9.16 -11.52 -6.85
C PHE A 79 8.68 -11.31 -8.28
N PHE A 80 7.47 -10.79 -8.40
CA PHE A 80 6.92 -10.52 -9.71
C PHE A 80 5.94 -9.37 -9.57
N GLY A 81 5.75 -8.67 -10.67
CA GLY A 81 4.91 -7.50 -10.60
C GLY A 81 4.69 -6.87 -11.95
N ASP A 82 3.92 -5.79 -11.92
CA ASP A 82 3.59 -5.05 -13.12
C ASP A 82 3.14 -3.67 -12.68
N SER A 83 3.00 -2.78 -13.65
CA SER A 83 2.60 -1.42 -13.38
C SER A 83 2.14 -0.81 -14.69
N GLU A 84 1.38 0.27 -14.58
CA GLU A 84 0.85 0.91 -15.78
C GLU A 84 1.72 2.04 -16.30
N GLY A 85 2.36 2.81 -15.41
CA GLY A 85 3.25 3.88 -15.86
C GLY A 85 4.62 3.35 -16.26
N ARG A 86 5.21 3.97 -17.28
CA ARG A 86 6.49 3.49 -17.78
C ARG A 86 7.63 3.78 -16.80
N ILE A 87 7.61 4.95 -16.16
CA ILE A 87 8.62 5.27 -15.14
C ILE A 87 8.51 4.31 -13.98
N VAL A 88 7.29 4.09 -13.52
CA VAL A 88 7.07 3.18 -12.42
C VAL A 88 7.42 1.75 -12.80
N ARG A 89 7.27 1.39 -14.08
CA ARG A 89 7.76 0.08 -14.49
C ARG A 89 9.28 0.02 -14.41
N GLY A 90 9.96 1.11 -14.77
CA GLY A 90 11.39 1.20 -14.60
C GLY A 90 11.79 1.09 -13.15
N LEU A 91 11.13 1.86 -12.27
CA LEU A 91 11.51 1.81 -10.86
C LEU A 91 11.28 0.41 -10.28
N LEU A 92 10.23 -0.26 -10.75
CA LEU A 92 9.92 -1.60 -10.28
C LEU A 92 10.96 -2.59 -10.77
N ALA A 93 11.42 -2.41 -12.00
CA ALA A 93 12.52 -3.20 -12.53
C ALA A 93 13.79 -3.02 -11.69
N VAL A 94 14.10 -1.78 -11.28
CA VAL A 94 15.24 -1.58 -10.38
C VAL A 94 15.02 -2.33 -9.07
N LEU A 95 13.81 -2.27 -8.52
CA LEU A 95 13.57 -2.93 -7.25
C LEU A 95 13.70 -4.45 -7.40
N LEU A 96 13.08 -5.02 -8.44
CA LEU A 96 13.21 -6.45 -8.71
C LEU A 96 14.67 -6.85 -8.86
N THR A 97 15.47 -6.01 -9.52
CA THR A 97 16.90 -6.29 -9.59
C THR A 97 17.52 -6.31 -8.19
N ALA A 98 17.04 -5.44 -7.29
CA ALA A 98 17.67 -5.42 -5.98
C ALA A 98 17.32 -6.67 -5.17
N VAL A 99 16.07 -7.15 -5.26
CA VAL A 99 15.54 -8.11 -4.29
C VAL A 99 15.41 -9.53 -4.84
N GLU A 100 15.42 -9.73 -6.15
CA GLU A 100 15.13 -11.04 -6.70
C GLU A 100 16.19 -12.07 -6.30
N GLY A 101 15.74 -13.23 -5.86
CA GLY A 101 16.63 -14.33 -5.57
C GLY A 101 17.18 -14.36 -4.16
N LYS A 102 16.75 -13.47 -3.28
CA LYS A 102 17.27 -13.40 -1.92
C LYS A 102 16.32 -14.06 -0.94
N THR A 103 16.89 -14.68 0.08
CA THR A 103 16.09 -15.20 1.19
C THR A 103 15.47 -14.05 1.97
N ALA A 104 14.45 -14.39 2.77
CA ALA A 104 13.92 -13.41 3.70
C ALA A 104 15.01 -12.87 4.62
N ALA A 105 15.92 -13.73 5.05
CA ALA A 105 17.01 -13.30 5.93
C ALA A 105 17.87 -12.23 5.24
N GLU A 106 18.27 -12.46 3.99
CA GLU A 106 19.15 -11.51 3.33
C GLU A 106 18.48 -10.15 3.08
N LEU A 107 17.15 -10.13 2.90
CA LEU A 107 16.48 -8.89 2.53
C LEU A 107 16.19 -7.98 3.72
N GLN A 108 16.20 -8.50 4.93
CA GLN A 108 16.04 -7.63 6.08
C GLN A 108 17.36 -7.00 6.50
N ALA A 109 18.40 -7.13 5.67
CA ALA A 109 19.73 -6.64 5.99
C ALA A 109 19.99 -5.20 5.56
N GLN A 110 19.43 -4.75 4.43
CA GLN A 110 19.67 -3.39 3.97
C GLN A 110 18.34 -2.81 3.52
N SER A 111 18.37 -1.59 3.05
CA SER A 111 17.12 -1.09 2.53
C SER A 111 16.91 -1.63 1.11
N PRO A 112 15.67 -1.97 0.76
CA PRO A 112 15.39 -2.34 -0.64
C PRO A 112 15.71 -1.23 -1.63
N LEU A 113 15.73 0.03 -1.20
CA LEU A 113 15.88 1.17 -2.10
C LEU A 113 17.30 1.71 -2.18
N ALA A 114 18.28 0.98 -1.64
CA ALA A 114 19.65 1.50 -1.70
C ALA A 114 20.12 1.64 -3.13
N LEU A 115 19.64 0.76 -4.01
CA LEU A 115 20.07 0.78 -5.41
C LEU A 115 19.59 2.03 -6.14
N PHE A 116 18.40 2.56 -5.78
CA PHE A 116 17.93 3.81 -6.37
C PHE A 116 18.85 4.97 -6.06
N ASP A 117 19.45 4.96 -4.86
CA ASP A 117 20.46 5.96 -4.53
C ASP A 117 21.73 5.73 -5.33
N GLU A 118 22.15 4.47 -5.41
CA GLU A 118 23.37 4.12 -6.12
C GLU A 118 23.28 4.44 -7.61
N LEU A 119 22.09 4.52 -8.18
CA LEU A 119 21.97 4.83 -9.61
C LEU A 119 21.85 6.31 -9.87
N GLY A 120 21.91 7.14 -8.84
CA GLY A 120 21.63 8.55 -9.05
C GLY A 120 20.20 8.84 -9.43
N LEU A 121 19.25 8.02 -8.99
CA LEU A 121 17.86 8.24 -9.40
C LEU A 121 17.05 9.03 -8.39
N ARG A 122 17.37 8.94 -7.09
CA ARG A 122 16.54 9.61 -6.08
C ARG A 122 16.69 11.12 -6.16
N ALA A 123 17.89 11.60 -6.50
CA ALA A 123 18.22 13.01 -6.32
C ALA A 123 17.24 13.93 -7.04
N GLN A 124 16.67 13.50 -8.15
CA GLN A 124 15.88 14.39 -8.97
C GLN A 124 14.44 13.94 -9.14
N LEU A 125 14.09 12.71 -8.74
CA LEU A 125 12.68 12.30 -8.73
C LEU A 125 11.84 13.23 -7.88
N SER A 126 10.58 13.37 -8.26
CA SER A 126 9.63 14.16 -7.48
C SER A 126 9.43 13.54 -6.11
N ALA A 127 9.13 14.40 -5.13
CA ALA A 127 8.80 13.94 -3.78
C ALA A 127 7.72 12.86 -3.81
N SER A 128 6.65 13.08 -4.59
CA SER A 128 5.55 12.11 -4.67
C SER A 128 6.02 10.70 -4.96
N ARG A 129 7.14 10.54 -5.67
CA ARG A 129 7.66 9.19 -5.93
C ARG A 129 8.10 8.52 -4.65
N SER A 130 8.59 9.30 -3.69
CA SER A 130 9.15 8.70 -2.49
C SER A 130 8.09 7.91 -1.73
N GLN A 131 6.83 8.35 -1.77
CA GLN A 131 5.79 7.59 -1.10
C GLN A 131 5.56 6.24 -1.76
N GLY A 132 5.59 6.18 -3.09
CA GLY A 132 5.44 4.90 -3.76
C GLY A 132 6.64 4.01 -3.56
N LEU A 133 7.83 4.59 -3.67
CA LEU A 133 9.04 3.83 -3.36
C LEU A 133 8.98 3.28 -1.95
N ASN A 134 8.65 4.13 -0.96
CA ASN A 134 8.58 3.64 0.41
C ASN A 134 7.52 2.57 0.56
N ALA A 135 6.38 2.70 -0.12
CA ALA A 135 5.40 1.63 -0.10
C ALA A 135 5.97 0.33 -0.65
N LEU A 136 6.78 0.42 -1.72
CA LEU A 136 7.40 -0.80 -2.27
C LEU A 136 8.33 -1.43 -1.25
N SER A 137 9.19 -0.62 -0.63
CA SER A 137 10.11 -1.09 0.40
C SER A 137 9.38 -1.86 1.49
N GLU A 138 8.28 -1.30 2.02
CA GLU A 138 7.58 -1.97 3.11
C GLU A 138 6.83 -3.22 2.64
N ALA A 139 6.37 -3.27 1.39
CA ALA A 139 5.83 -4.53 0.88
C ALA A 139 6.87 -5.63 0.89
N ILE A 140 8.10 -5.31 0.43
CA ILE A 140 9.22 -6.26 0.53
C ILE A 140 9.45 -6.66 1.98
N ILE A 141 9.61 -5.66 2.87
CA ILE A 141 9.83 -5.95 4.30
C ILE A 141 8.71 -6.84 4.83
N ALA A 142 7.46 -6.53 4.48
CA ALA A 142 6.33 -7.32 4.96
C ALA A 142 6.38 -8.74 4.42
N ALA A 143 6.75 -8.91 3.15
CA ALA A 143 6.85 -10.25 2.58
C ALA A 143 7.91 -11.09 3.31
N THR A 144 9.05 -10.49 3.65
CA THR A 144 10.05 -11.23 4.44
C THR A 144 9.52 -11.56 5.82
N LYS A 145 8.64 -10.72 6.37
CA LYS A 145 8.02 -11.06 7.66
C LYS A 145 7.13 -12.28 7.53
N GLN A 146 6.38 -12.38 6.43
CA GLN A 146 5.48 -13.52 6.24
C GLN A 146 6.27 -14.81 6.05
N VAL A 147 7.35 -14.74 5.30
CA VAL A 147 8.21 -15.89 5.09
C VAL A 147 9.05 -16.06 6.34
N GLY B 8 -17.10 7.06 20.75
CA GLY B 8 -16.58 8.14 19.93
C GLY B 8 -17.34 8.39 18.63
N HIS B 9 -17.17 7.48 17.69
CA HIS B 9 -17.74 7.62 16.35
C HIS B 9 -18.87 6.64 16.12
N PRO B 10 -19.71 6.86 15.09
CA PRO B 10 -20.85 5.97 14.85
C PRO B 10 -20.51 4.69 14.06
N PHE B 11 -19.26 4.46 13.69
CA PHE B 11 -18.93 3.37 12.78
C PHE B 11 -18.72 2.07 13.57
N GLY B 12 -19.41 1.02 13.13
CA GLY B 12 -19.53 -0.21 13.87
C GLY B 12 -20.77 -0.29 14.74
N THR B 13 -21.38 0.84 15.11
CA THR B 13 -22.58 0.82 15.94
C THR B 13 -23.81 1.25 15.16
N THR B 14 -23.94 2.55 14.83
CA THR B 14 -25.12 3.00 14.10
C THR B 14 -24.91 2.95 12.59
N VAL B 15 -23.67 2.79 12.16
CA VAL B 15 -23.29 2.54 10.78
C VAL B 15 -22.51 1.21 10.77
N THR B 16 -22.96 0.26 9.96
CA THR B 16 -22.41 -1.09 9.92
C THR B 16 -22.01 -1.43 8.49
N ALA B 17 -21.37 -2.58 8.34
CA ALA B 17 -20.89 -2.96 7.01
C ALA B 17 -22.07 -3.23 6.08
N GLU B 18 -23.10 -3.89 6.60
CA GLU B 18 -24.29 -4.11 5.79
C GLU B 18 -24.99 -2.80 5.44
N THR B 19 -24.99 -1.81 6.33
CA THR B 19 -25.58 -0.53 5.90
C THR B 19 -24.67 0.17 4.90
N LEU B 20 -23.36 0.03 5.05
CA LEU B 20 -22.46 0.57 4.03
C LEU B 20 -22.67 -0.16 2.70
N ARG B 21 -22.99 -1.46 2.75
N ARG B 21 -23.03 -1.45 2.75
CA ARG B 21 -23.27 -2.14 1.50
CA ARG B 21 -23.29 -2.17 1.51
C ARG B 21 -24.55 -1.61 0.87
C ARG B 21 -24.52 -1.62 0.81
N ASN B 22 -25.56 -1.30 1.69
N ASN B 22 -25.60 -1.39 1.57
CA ASN B 22 -26.83 -0.82 1.18
CA ASN B 22 -26.81 -0.80 1.00
C ASN B 22 -26.76 0.62 0.66
C ASN B 22 -26.49 0.50 0.28
N THR B 23 -25.67 1.35 0.88
CA THR B 23 -25.49 2.66 0.29
C THR B 23 -24.48 2.69 -0.84
N PHE B 24 -23.47 1.82 -0.84
CA PHE B 24 -22.46 1.83 -1.90
C PHE B 24 -22.73 0.84 -3.03
N ALA B 25 -23.34 -0.31 -2.74
CA ALA B 25 -23.46 -1.34 -3.78
C ALA B 25 -24.23 -0.87 -5.01
N PRO B 26 -25.30 -0.05 -4.90
CA PRO B 26 -25.93 0.49 -6.13
C PRO B 26 -25.01 1.34 -6.99
N LEU B 27 -24.01 2.01 -6.40
CA LEU B 27 -23.21 3.02 -7.10
C LEU B 27 -22.24 2.36 -8.06
N THR B 28 -22.35 2.68 -9.34
CA THR B 28 -21.40 2.18 -10.32
C THR B 28 -20.36 3.23 -10.73
N GLN B 29 -20.66 4.52 -10.65
CA GLN B 29 -19.77 5.58 -11.13
C GLN B 29 -18.88 6.12 -10.01
N TRP B 30 -17.63 6.43 -10.36
CA TRP B 30 -16.72 6.83 -9.30
C TRP B 30 -17.08 8.19 -8.71
N GLU B 31 -17.72 9.06 -9.48
CA GLU B 31 -18.05 10.35 -8.88
C GLU B 31 -19.08 10.16 -7.77
N ASP B 32 -20.03 9.26 -7.98
CA ASP B 32 -21.01 8.92 -6.96
C ASP B 32 -20.35 8.28 -5.75
N LYS B 33 -19.47 7.30 -5.98
CA LYS B 33 -18.80 6.65 -4.87
C LYS B 33 -18.02 7.65 -4.03
N TYR B 34 -17.32 8.56 -4.71
CA TYR B 34 -16.57 9.59 -4.02
C TYR B 34 -17.51 10.52 -3.25
N ARG B 35 -18.59 10.97 -3.90
CA ARG B 35 -19.57 11.80 -3.19
C ARG B 35 -20.05 11.11 -1.95
N GLN B 36 -20.30 9.81 -2.02
CA GLN B 36 -20.80 9.08 -0.88
C GLN B 36 -19.74 8.92 0.22
N LEU B 37 -18.48 8.70 -0.18
CA LEU B 37 -17.43 8.63 0.84
C LEU B 37 -17.29 9.97 1.56
N ILE B 38 -17.43 11.07 0.82
CA ILE B 38 -17.34 12.37 1.46
C ILE B 38 -18.47 12.56 2.48
N MET B 39 -19.67 12.11 2.12
CA MET B 39 -20.80 12.27 3.03
C MET B 39 -20.62 11.41 4.28
N LEU B 40 -20.12 10.19 4.09
CA LEU B 40 -19.81 9.31 5.22
C LEU B 40 -18.71 9.88 6.11
N GLY B 41 -17.67 10.47 5.49
CA GLY B 41 -16.58 11.01 6.28
C GLY B 41 -17.01 12.19 7.12
N LYS B 42 -18.08 12.88 6.70
CA LYS B 42 -18.55 13.98 7.52
C LYS B 42 -19.15 13.50 8.84
N GLN B 43 -19.47 12.22 8.95
CA GLN B 43 -20.03 11.71 10.20
C GLN B 43 -18.94 11.33 11.18
N LEU B 44 -17.68 11.43 10.78
CA LEU B 44 -16.57 11.14 11.65
C LEU B 44 -16.34 12.36 12.53
N PRO B 45 -16.42 12.25 13.85
CA PRO B 45 -16.21 13.44 14.69
C PRO B 45 -14.75 13.86 14.65
N ALA B 46 -14.52 15.14 14.93
CA ALA B 46 -13.16 15.61 15.07
C ALA B 46 -12.45 14.81 16.16
N LEU B 47 -11.19 14.45 15.91
CA LEU B 47 -10.46 13.59 16.84
C LEU B 47 -9.85 14.45 17.94
N PRO B 48 -10.22 14.25 19.21
CA PRO B 48 -9.65 15.07 20.28
C PRO B 48 -8.16 14.78 20.49
N ASP B 49 -7.51 15.74 21.17
CA ASP B 49 -6.06 15.71 21.39
C ASP B 49 -5.61 14.40 22.06
N GLU B 50 -6.32 13.99 23.13
CA GLU B 50 -5.92 12.80 23.86
C GLU B 50 -5.97 11.55 22.99
N LEU B 51 -6.83 11.53 21.97
CA LEU B 51 -6.85 10.39 21.08
C LEU B 51 -5.84 10.55 19.95
N LYS B 52 -5.69 11.79 19.47
CA LYS B 52 -4.74 12.08 18.41
C LYS B 52 -3.32 11.70 18.84
N ALA B 53 -2.94 11.98 20.08
CA ALA B 53 -1.63 11.61 20.59
C ALA B 53 -1.42 10.09 20.63
N GLN B 54 -2.49 9.32 20.64
CA GLN B 54 -2.41 7.87 20.63
C GLN B 54 -2.52 7.28 19.24
N ALA B 55 -2.65 8.11 18.21
CA ALA B 55 -2.79 7.58 16.87
C ALA B 55 -1.45 7.61 16.16
N LYS B 56 -1.24 6.64 15.30
CA LYS B 56 -0.12 6.73 14.39
C LYS B 56 -0.46 7.71 13.29
N GLU B 57 0.47 8.61 12.99
CA GLU B 57 0.28 9.60 11.95
C GLU B 57 0.83 9.07 10.63
N ILE B 58 -0.03 8.97 9.63
CA ILE B 58 0.37 8.55 8.29
C ILE B 58 0.44 9.78 7.38
N ALA B 59 1.60 9.96 6.74
CA ALA B 59 1.77 10.97 5.72
C ALA B 59 1.48 10.32 4.38
N GLY B 60 0.44 10.78 3.74
CA GLY B 60 0.11 10.37 2.39
C GLY B 60 0.72 11.33 1.40
N CYS B 61 -0.06 11.63 0.37
CA CYS B 61 0.39 12.39 -0.78
C CYS B 61 -0.08 13.84 -0.71
N GLU B 62 -1.39 14.03 -0.64
CA GLU B 62 -2.00 15.28 -0.25
C GLU B 62 -2.38 15.26 1.22
N ASN B 63 -2.73 14.08 1.69
CA ASN B 63 -3.49 13.85 2.91
C ASN B 63 -2.57 13.87 4.12
N ARG B 64 -3.20 13.78 5.27
CA ARG B 64 -2.55 13.58 6.55
C ARG B 64 -3.57 12.77 7.33
N VAL B 65 -3.16 11.62 7.84
CA VAL B 65 -4.11 10.64 8.37
C VAL B 65 -3.61 10.12 9.70
N TRP B 66 -4.52 9.96 10.66
CA TRP B 66 -4.20 9.38 11.95
C TRP B 66 -5.06 8.14 12.19
N LEU B 67 -4.46 7.13 12.78
CA LEU B 67 -5.22 5.95 13.15
C LEU B 67 -4.64 5.38 14.44
N GLY B 68 -5.51 5.11 15.41
CA GLY B 68 -5.08 4.58 16.69
C GLY B 68 -6.09 3.57 17.21
N TYR B 69 -5.70 2.87 18.26
CA TYR B 69 -6.55 1.84 18.81
C TYR B 69 -6.36 1.75 20.31
N THR B 70 -7.40 1.28 20.98
CA THR B 70 -7.29 0.72 22.33
C THR B 70 -7.94 -0.65 22.33
N VAL B 71 -7.57 -1.45 23.33
CA VAL B 71 -8.12 -2.79 23.53
C VAL B 71 -8.88 -2.79 24.83
N ALA B 72 -10.17 -3.13 24.77
CA ALA B 72 -10.92 -3.36 25.99
C ALA B 72 -10.39 -4.61 26.69
N GLU B 73 -10.93 -4.89 27.88
CA GLU B 73 -10.50 -6.04 28.64
C GLU B 73 -10.97 -7.34 28.01
N ASN B 74 -12.09 -7.29 27.27
CA ASN B 74 -12.65 -8.45 26.60
C ASN B 74 -11.98 -8.74 25.26
N GLY B 75 -10.94 -7.99 24.88
CA GLY B 75 -10.21 -8.22 23.65
C GLY B 75 -10.68 -7.40 22.46
N LYS B 76 -11.80 -6.69 22.59
CA LYS B 76 -12.33 -5.91 21.49
C LYS B 76 -11.46 -4.68 21.29
N MET B 77 -11.01 -4.47 20.07
CA MET B 77 -10.24 -3.29 19.74
C MET B 77 -11.20 -2.18 19.33
N HIS B 78 -10.98 -0.99 19.89
N HIS B 78 -10.92 -0.97 19.79
CA HIS B 78 -11.65 0.22 19.47
CA HIS B 78 -11.73 0.18 19.42
C HIS B 78 -10.68 1.03 18.65
C HIS B 78 -10.82 1.18 18.74
N PHE B 79 -11.09 1.46 17.48
CA PHE B 79 -10.21 2.27 16.67
C PHE B 79 -10.71 3.70 16.58
N PHE B 80 -9.79 4.58 16.24
CA PHE B 80 -10.17 5.97 16.09
C PHE B 80 -9.19 6.58 15.10
N GLY B 81 -9.60 7.66 14.47
CA GLY B 81 -8.65 8.40 13.67
C GLY B 81 -9.30 9.62 13.07
N ASP B 82 -8.54 10.27 12.17
CA ASP B 82 -9.06 11.42 11.47
C ASP B 82 -8.15 11.66 10.26
N SER B 83 -8.58 12.58 9.40
CA SER B 83 -7.90 12.91 8.16
C SER B 83 -8.32 14.31 7.78
N GLU B 84 -7.46 14.98 7.02
CA GLU B 84 -7.80 16.31 6.55
C GLU B 84 -8.58 16.30 5.25
N GLY B 85 -8.36 15.27 4.42
CA GLY B 85 -9.00 15.20 3.11
C GLY B 85 -10.39 14.59 3.21
N ARG B 86 -11.32 15.15 2.41
CA ARG B 86 -12.71 14.74 2.48
C ARG B 86 -12.92 13.29 2.09
N ILE B 87 -12.25 12.81 1.05
CA ILE B 87 -12.47 11.45 0.57
C ILE B 87 -11.80 10.44 1.50
N VAL B 88 -10.58 10.73 1.95
CA VAL B 88 -9.89 9.81 2.85
C VAL B 88 -10.63 9.69 4.17
N ARG B 89 -11.23 10.80 4.61
CA ARG B 89 -12.08 10.77 5.79
C ARG B 89 -13.20 9.75 5.64
N GLY B 90 -13.83 9.70 4.46
CA GLY B 90 -14.85 8.69 4.21
C GLY B 90 -14.29 7.29 4.16
N LEU B 91 -13.15 7.12 3.48
CA LEU B 91 -12.48 5.83 3.43
C LEU B 91 -12.10 5.37 4.83
N LEU B 92 -11.56 6.27 5.63
CA LEU B 92 -11.28 5.94 7.03
C LEU B 92 -12.58 5.51 7.75
N ALA B 93 -13.68 6.21 7.49
CA ALA B 93 -14.96 5.81 8.09
C ALA B 93 -15.39 4.42 7.64
N VAL B 94 -15.14 4.05 6.38
CA VAL B 94 -15.41 2.68 5.95
C VAL B 94 -14.55 1.70 6.74
N LEU B 95 -13.26 2.00 6.87
CA LEU B 95 -12.35 1.14 7.61
C LEU B 95 -12.77 0.98 9.07
N LEU B 96 -13.13 2.08 9.74
CA LEU B 96 -13.58 1.95 11.14
C LEU B 96 -14.82 1.09 11.24
N THR B 97 -15.75 1.25 10.29
CA THR B 97 -16.91 0.36 10.22
C THR B 97 -16.51 -1.12 10.12
N ALA B 98 -15.46 -1.42 9.36
CA ALA B 98 -15.03 -2.81 9.18
C ALA B 98 -14.40 -3.40 10.43
N VAL B 99 -13.69 -2.61 11.23
CA VAL B 99 -12.79 -3.17 12.23
C VAL B 99 -13.24 -2.91 13.66
N GLU B 100 -14.19 -2.00 13.87
CA GLU B 100 -14.58 -1.62 15.22
C GLU B 100 -15.12 -2.82 16.00
N GLY B 101 -14.68 -2.94 17.26
CA GLY B 101 -15.14 -3.99 18.14
C GLY B 101 -14.54 -5.36 17.91
N LYS B 102 -13.81 -5.57 16.82
CA LYS B 102 -13.21 -6.86 16.52
C LYS B 102 -12.00 -7.15 17.42
N THR B 103 -11.81 -8.43 17.73
CA THR B 103 -10.58 -8.84 18.39
C THR B 103 -9.42 -8.83 17.41
N ALA B 104 -8.20 -8.79 17.97
CA ALA B 104 -7.01 -8.94 17.13
C ALA B 104 -7.08 -10.23 16.30
N ALA B 105 -7.52 -11.33 16.92
CA ALA B 105 -7.66 -12.59 16.19
C ALA B 105 -8.70 -12.49 15.08
N GLU B 106 -9.80 -11.78 15.31
CA GLU B 106 -10.80 -11.63 14.25
C GLU B 106 -10.27 -10.78 13.10
N LEU B 107 -9.53 -9.72 13.43
CA LEU B 107 -8.94 -8.86 12.41
C LEU B 107 -7.95 -9.62 11.52
N GLN B 108 -7.11 -10.46 12.09
CA GLN B 108 -6.11 -11.14 11.26
C GLN B 108 -6.69 -12.29 10.42
N ALA B 109 -8.01 -12.52 10.46
CA ALA B 109 -8.64 -13.56 9.65
C ALA B 109 -8.96 -13.10 8.23
N GLN B 110 -8.76 -11.83 7.91
CA GLN B 110 -8.91 -11.37 6.53
C GLN B 110 -8.28 -9.98 6.42
N SER B 111 -8.13 -9.54 5.18
CA SER B 111 -7.58 -8.22 4.91
C SER B 111 -8.48 -7.15 5.53
N PRO B 112 -7.91 -6.17 6.23
CA PRO B 112 -8.75 -5.04 6.70
C PRO B 112 -9.51 -4.36 5.57
N LEU B 113 -9.02 -4.49 4.33
CA LEU B 113 -9.60 -3.83 3.18
C LEU B 113 -10.73 -4.61 2.54
N ALA B 114 -11.01 -5.83 3.04
CA ALA B 114 -11.95 -6.71 2.36
C ALA B 114 -13.31 -6.04 2.17
N LEU B 115 -13.74 -5.22 3.13
CA LEU B 115 -14.99 -4.50 2.97
C LEU B 115 -14.94 -3.56 1.77
N PHE B 116 -13.77 -2.99 1.49
CA PHE B 116 -13.68 -2.08 0.36
C PHE B 116 -13.87 -2.81 -0.96
N ASP B 117 -13.36 -4.04 -1.06
CA ASP B 117 -13.56 -4.82 -2.30
C ASP B 117 -15.01 -5.24 -2.43
N GLU B 118 -15.70 -5.43 -1.31
CA GLU B 118 -17.12 -5.79 -1.35
C GLU B 118 -18.00 -4.63 -1.74
N LEU B 119 -17.59 -3.40 -1.41
CA LEU B 119 -18.30 -2.21 -1.81
C LEU B 119 -17.84 -1.69 -3.17
N GLY B 120 -16.81 -2.28 -3.74
CA GLY B 120 -16.31 -1.81 -5.02
C GLY B 120 -15.57 -0.50 -4.94
N LEU B 121 -14.80 -0.28 -3.87
CA LEU B 121 -14.14 0.98 -3.58
C LEU B 121 -12.63 0.89 -3.74
N ARG B 122 -12.13 -0.17 -4.37
CA ARG B 122 -10.69 -0.35 -4.59
C ARG B 122 -10.32 -0.36 -6.05
N ALA B 123 -11.10 -1.05 -6.87
CA ALA B 123 -10.94 -0.94 -8.32
C ALA B 123 -11.04 0.51 -8.76
N GLN B 124 -9.97 1.02 -9.36
CA GLN B 124 -9.93 2.36 -9.97
C GLN B 124 -10.03 3.48 -8.95
N LEU B 125 -9.86 3.17 -7.66
CA LEU B 125 -9.59 4.22 -6.69
C LEU B 125 -8.29 4.91 -7.08
N SER B 126 -8.26 6.24 -7.02
CA SER B 126 -7.04 6.93 -7.43
C SER B 126 -5.87 6.52 -6.56
N ALA B 127 -4.69 6.51 -7.17
CA ALA B 127 -3.47 6.03 -6.52
C ALA B 127 -3.27 6.67 -5.15
N SER B 128 -3.39 7.98 -5.06
CA SER B 128 -3.02 8.67 -3.82
C SER B 128 -3.93 8.28 -2.65
N ARG B 129 -5.24 8.05 -2.90
CA ARG B 129 -6.14 7.54 -1.85
C ARG B 129 -5.89 6.06 -1.60
N SER B 130 -5.63 5.30 -2.65
CA SER B 130 -5.21 3.92 -2.48
C SER B 130 -3.96 3.82 -1.60
N GLN B 131 -2.98 4.71 -1.82
CA GLN B 131 -1.80 4.74 -0.97
C GLN B 131 -2.19 4.98 0.49
N GLY B 132 -3.15 5.88 0.72
CA GLY B 132 -3.60 6.11 2.09
C GLY B 132 -4.36 4.95 2.67
N LEU B 133 -5.26 4.37 1.89
CA LEU B 133 -6.00 3.19 2.33
C LEU B 133 -5.03 2.04 2.62
N ASN B 134 -4.07 1.81 1.73
CA ASN B 134 -3.05 0.78 1.95
C ASN B 134 -2.26 1.02 3.24
N ALA B 135 -2.02 2.30 3.59
CA ALA B 135 -1.23 2.59 4.78
C ALA B 135 -2.06 2.42 6.06
N LEU B 136 -3.36 2.64 5.98
CA LEU B 136 -4.21 2.37 7.13
C LEU B 136 -4.35 0.87 7.36
N SER B 137 -4.44 0.08 6.28
CA SER B 137 -4.55 -1.35 6.43
C SER B 137 -3.37 -1.91 7.19
N GLU B 138 -2.16 -1.49 6.81
CA GLU B 138 -0.98 -1.98 7.52
C GLU B 138 -0.89 -1.42 8.93
N ALA B 139 -1.38 -0.19 9.16
CA ALA B 139 -1.52 0.26 10.54
C ALA B 139 -2.41 -0.70 11.33
N ILE B 140 -3.51 -1.18 10.72
CA ILE B 140 -4.39 -2.14 11.39
C ILE B 140 -3.65 -3.44 11.68
N ILE B 141 -2.99 -4.00 10.66
CA ILE B 141 -2.20 -5.22 10.83
C ILE B 141 -1.14 -5.03 11.92
N ALA B 142 -0.48 -3.88 11.94
CA ALA B 142 0.52 -3.62 12.97
C ALA B 142 -0.12 -3.62 14.35
N ALA B 143 -1.27 -2.97 14.48
CA ALA B 143 -1.99 -2.93 15.75
C ALA B 143 -2.28 -4.33 16.27
N THR B 144 -2.83 -5.19 15.41
CA THR B 144 -3.19 -6.55 15.83
C THR B 144 -1.97 -7.30 16.31
N LYS B 145 -0.83 -7.08 15.63
CA LYS B 145 0.41 -7.71 16.05
C LYS B 145 0.85 -7.18 17.43
N GLN B 146 0.64 -5.89 17.70
CA GLN B 146 0.99 -5.39 19.03
C GLN B 146 0.14 -6.08 20.12
N VAL B 147 -1.16 -6.20 19.88
CA VAL B 147 -2.08 -6.72 20.90
C VAL B 147 -1.76 -8.17 21.24
N LYS B 148 -1.47 -9.00 20.23
CA LYS B 148 -1.19 -10.42 20.45
C LYS B 148 0.22 -10.68 20.95
N HIS B 149 1.06 -9.64 21.09
CA HIS B 149 2.48 -9.79 21.46
C HIS B 149 3.23 -10.64 20.43
C1 GOL C . 6.50 5.00 -7.19
O1 GOL C . 6.51 3.61 -6.91
C2 GOL C . 5.07 5.50 -7.13
O2 GOL C . 4.17 4.52 -7.61
C3 GOL C . 4.87 6.86 -7.80
O3 GOL C . 3.47 7.05 -7.87
C1 GOL D . 4.22 8.60 -16.96
O1 GOL D . 4.10 7.94 -18.20
C2 GOL D . 4.19 7.56 -15.84
O2 GOL D . 5.20 6.59 -16.04
C3 GOL D . 4.39 8.17 -14.46
O3 GOL D . 4.33 7.10 -13.54
C1 GOL E . -15.56 19.30 5.00
O1 GOL E . -14.18 19.20 4.68
C2 GOL E . -16.09 20.64 4.49
O2 GOL E . -15.04 21.52 4.19
C3 GOL E . -16.88 20.41 3.21
O3 GOL E . -16.74 21.58 2.42
C1 GOL F . -5.69 -6.95 -0.72
O1 GOL F . -5.57 -6.76 0.66
C2 GOL F . -4.32 -7.19 -1.35
O2 GOL F . -4.38 -8.33 -2.17
C3 GOL F . -3.96 -6.00 -2.22
O3 GOL F . -4.70 -6.09 -3.42
S SO4 G . -8.86 13.60 -0.01
O1 SO4 G . -9.47 12.61 0.86
O2 SO4 G . -9.55 14.87 0.08
O3 SO4 G . -7.46 13.74 0.39
O4 SO4 G . -8.97 13.20 -1.41
C1 GOL H . -17.91 -4.18 24.88
O1 GOL H . -16.92 -3.64 24.03
C2 GOL H . -19.31 -4.05 24.28
O2 GOL H . -19.47 -2.81 23.60
C3 GOL H . -19.62 -5.21 23.36
O3 GOL H . -19.18 -4.94 22.04
#